data_8CNB
#
_entry.id   8CNB
#
_cell.length_a   86.669
_cell.length_b   144.819
_cell.length_c   155.440
_cell.angle_alpha   90.00
_cell.angle_beta   90.00
_cell.angle_gamma   90.00
#
_symmetry.space_group_name_H-M   'I 2 2 2'
#
loop_
_entity.id
_entity.type
_entity.pdbx_description
1 polymer 'histone acetyltransferase'
2 non-polymer 'ZINC ION'
3 non-polymer 'COENZYME A'
4 water water
#
_entity_poly.entity_id   1
_entity_poly.type   'polypeptide(L)'
_entity_poly.pdbx_seq_one_letter_code
;MGSSQPRKKIFKPEELRQALMPTLEALYRQDPESLPFRQPVDPQLLGIPDYFDIVKNPMDLSTIKRKLDTGQYQEPWQYV
DDVWLMFNNAWLYNRKTSRVYKFCSKLAEVFEQEIDPVMQSLGYCCGRKYEFSPQTLCCYGKQLCTIPRDAAYYSYQNRY
HFCEKCFTEIQGENVTLGDDPSQPQTTISKDQFEKKKNDTLDPEPFVDCKECGRKMHQICVLHYDIIWPSGFVCDNCLKK
TGRPRKENKFSAKRLQTTRLGNHLEDRVNKFLRRQNHPEAGEVFVRVVASSDKTVEVKPGMKSRFVDSGEMSESFPYRTK
ALFAFEEIDGVDVCFFGMHVQEYGSDCPPPNTRRVYISYLDSIHFFRPRCLRTAVYHEILIGYLEYVKKLGYVTGHIWAC
PPSEGDDYIFHCHPPDQKIPKPKRLQEWCKKMLDKAFAERIINDYKDIFKQANEDRLTSAKELPYFEGDFWPNVLEESIK
ESGGSGSQKLYATMEKHKEVFFVIHLHAGPVISTQPPIVDPDPLLSCDLMDGRDAFLTLARDKHWEFSSLRRSKWSTLCM
LVELHTQGQDRFVYTCNECKHHVETRWHCTVCEDYDLCINCYNTKSHTHKMVKWGLGLD
;
_entity_poly.pdbx_strand_id   A
#
loop_
_chem_comp.id
_chem_comp.type
_chem_comp.name
_chem_comp.formula
COA non-polymer 'COENZYME A' 'C21 H36 N7 O16 P3 S'
ZN non-polymer 'ZINC ION' 'Zn 2'
#
# COMPACT_ATOMS: atom_id res chain seq x y z
N MET A 1 -0.59 40.27 -7.98
CA MET A 1 0.13 39.09 -7.49
C MET A 1 1.38 39.51 -6.70
N GLY A 2 1.42 39.13 -5.43
CA GLY A 2 2.54 39.44 -4.55
C GLY A 2 3.45 38.24 -4.47
N SER A 3 4.75 38.47 -4.27
CA SER A 3 5.70 37.37 -4.18
C SER A 3 6.93 37.74 -3.37
N SER A 4 7.65 36.70 -2.89
CA SER A 4 8.91 36.85 -2.13
C SER A 4 9.55 35.61 -1.48
N GLN A 5 10.90 35.54 -1.57
CA GLN A 5 11.87 34.53 -1.13
C GLN A 5 13.27 35.15 -1.21
N PRO A 6 13.79 35.81 -0.16
CA PRO A 6 15.02 36.62 -0.37
C PRO A 6 16.28 35.81 -0.60
N ARG A 7 16.56 34.75 0.15
CA ARG A 7 17.80 34.01 -0.13
C ARG A 7 17.65 32.92 -1.22
N LYS A 8 16.75 33.13 -2.21
CA LYS A 8 16.52 32.16 -3.26
C LYS A 8 17.78 31.89 -4.07
N LYS A 9 17.94 30.64 -4.52
CA LYS A 9 18.99 30.25 -5.45
C LYS A 9 18.64 30.57 -6.89
N ILE A 10 19.48 31.40 -7.49
CA ILE A 10 19.34 31.84 -8.87
C ILE A 10 20.60 31.41 -9.62
N PHE A 11 20.40 30.93 -10.84
CA PHE A 11 21.45 30.33 -11.63
C PHE A 11 21.71 31.26 -12.79
N LYS A 12 22.99 31.60 -12.98
CA LYS A 12 23.34 32.40 -14.14
C LYS A 12 23.49 31.48 -15.35
N PRO A 13 23.04 31.95 -16.51
CA PRO A 13 23.09 31.17 -17.74
C PRO A 13 24.29 30.25 -17.85
N GLU A 14 25.50 30.77 -17.68
CA GLU A 14 26.64 29.90 -17.87
C GLU A 14 26.62 28.70 -16.92
N GLU A 15 26.17 28.89 -15.66
CA GLU A 15 26.12 27.76 -14.74
C GLU A 15 25.20 26.65 -15.23
N LEU A 16 23.98 27.02 -15.63
CA LEU A 16 23.04 26.02 -16.15
C LEU A 16 23.61 25.30 -17.35
N ARG A 17 23.98 26.07 -18.39
CA ARG A 17 24.48 25.45 -19.61
C ARG A 17 25.64 24.52 -19.30
N GLN A 18 26.63 24.99 -18.53
CA GLN A 18 27.77 24.12 -18.21
C GLN A 18 27.33 22.82 -17.54
N ALA A 19 26.21 22.83 -16.80
CA ALA A 19 25.71 21.65 -16.09
C ALA A 19 24.69 20.89 -16.94
N LEU A 20 23.76 21.62 -17.56
CA LEU A 20 22.63 21.01 -18.23
C LEU A 20 23.05 20.45 -19.59
N MET A 21 23.77 21.22 -20.40
CA MET A 21 24.01 20.80 -21.78
C MET A 21 24.79 19.49 -21.95
N PRO A 22 25.69 19.03 -21.03
CA PRO A 22 26.24 17.67 -21.18
C PRO A 22 25.19 16.58 -21.29
N THR A 23 23.97 16.86 -20.80
CA THR A 23 22.82 15.96 -20.92
C THR A 23 22.15 16.11 -22.27
N LEU A 24 22.02 17.34 -22.76
CA LEU A 24 21.47 17.54 -24.09
C LEU A 24 22.35 16.93 -25.15
N GLU A 25 23.66 16.85 -24.91
CA GLU A 25 24.58 16.28 -25.89
C GLU A 25 24.45 14.76 -25.94
N ALA A 26 24.26 14.13 -24.79
CA ALA A 26 24.02 12.70 -24.82
C ALA A 26 22.81 12.31 -25.62
N LEU A 27 21.86 13.23 -25.83
CA LEU A 27 20.73 12.91 -26.70
C LEU A 27 21.12 13.02 -28.15
N TYR A 28 21.82 14.09 -28.52
CA TYR A 28 22.32 14.25 -29.88
C TYR A 28 23.26 13.13 -30.29
N ARG A 29 24.08 12.62 -29.35
CA ARG A 29 24.99 11.53 -29.71
C ARG A 29 24.28 10.25 -30.09
N GLN A 30 22.98 10.15 -29.89
CA GLN A 30 22.26 8.93 -30.23
C GLN A 30 21.95 8.98 -31.72
N ASP A 31 22.57 8.08 -32.49
CA ASP A 31 22.40 8.01 -33.95
C ASP A 31 21.98 6.59 -34.29
N PRO A 32 20.86 6.41 -35.02
CA PRO A 32 20.05 7.47 -35.64
C PRO A 32 18.93 8.04 -34.80
N GLU A 33 18.86 7.67 -33.52
CA GLU A 33 17.63 7.94 -32.79
C GLU A 33 17.31 9.41 -32.65
N SER A 34 18.31 10.26 -32.52
CA SER A 34 18.03 11.69 -32.33
C SER A 34 17.69 12.40 -33.62
N LEU A 35 17.95 11.81 -34.77
CA LEU A 35 17.86 12.56 -36.02
C LEU A 35 16.48 13.15 -36.27
N PRO A 36 15.36 12.45 -36.07
CA PRO A 36 14.06 13.11 -36.26
C PRO A 36 13.77 14.18 -35.22
N PHE A 37 14.61 14.33 -34.19
CA PHE A 37 14.39 15.28 -33.12
C PHE A 37 15.37 16.45 -33.14
N ARG A 38 16.29 16.51 -34.11
CA ARG A 38 17.28 17.57 -34.14
C ARG A 38 16.75 18.85 -34.76
N GLN A 39 15.60 18.82 -35.40
CA GLN A 39 14.98 20.00 -35.98
C GLN A 39 13.49 19.92 -35.67
N PRO A 40 12.78 21.04 -35.71
CA PRO A 40 11.32 21.01 -35.50
C PRO A 40 10.62 20.16 -36.54
N VAL A 41 9.69 19.32 -36.07
CA VAL A 41 8.88 18.52 -36.97
C VAL A 41 8.26 19.43 -38.02
N ASP A 42 8.46 19.10 -39.29
CA ASP A 42 7.89 19.86 -40.41
C ASP A 42 6.77 19.04 -41.04
N PRO A 43 5.49 19.29 -40.73
CA PRO A 43 4.43 18.43 -41.29
C PRO A 43 4.37 18.45 -42.80
N GLN A 44 4.86 19.49 -43.45
CA GLN A 44 4.77 19.44 -44.89
C GLN A 44 5.88 18.61 -45.51
N LEU A 45 7.02 18.45 -44.84
CA LEU A 45 8.00 17.46 -45.33
C LEU A 45 7.54 16.04 -45.07
N LEU A 46 6.89 15.80 -43.92
CA LEU A 46 6.52 14.44 -43.54
C LEU A 46 5.13 14.03 -44.03
N GLY A 47 4.28 14.96 -44.49
CA GLY A 47 2.98 14.49 -44.96
C GLY A 47 1.93 14.30 -43.89
N ILE A 48 1.98 15.10 -42.83
CA ILE A 48 1.08 15.00 -41.69
C ILE A 48 0.43 16.33 -41.35
N PRO A 49 -0.57 16.84 -42.11
CA PRO A 49 -1.28 18.05 -41.68
C PRO A 49 -1.86 17.91 -40.29
N ASP A 50 -2.01 16.67 -39.86
CA ASP A 50 -2.44 16.31 -38.52
C ASP A 50 -1.69 17.04 -37.42
N TYR A 51 -0.38 17.23 -37.60
CA TYR A 51 0.50 17.34 -36.45
C TYR A 51 0.14 18.49 -35.54
N PHE A 52 0.01 19.70 -36.11
CA PHE A 52 -0.17 20.86 -35.25
C PHE A 52 -1.57 20.97 -34.66
N ASP A 53 -2.52 20.21 -35.18
CA ASP A 53 -3.82 20.08 -34.51
C ASP A 53 -3.67 19.16 -33.31
N ILE A 54 -2.74 18.20 -33.38
CA ILE A 54 -2.55 17.27 -32.27
C ILE A 54 -1.47 17.76 -31.32
N VAL A 55 -0.31 18.21 -31.83
CA VAL A 55 0.72 18.75 -30.95
C VAL A 55 0.66 20.28 -30.92
N LYS A 56 0.22 20.85 -29.81
CA LYS A 56 0.09 22.30 -29.65
C LYS A 56 1.38 22.96 -29.18
N ASN A 57 2.28 22.25 -28.51
CA ASN A 57 3.51 22.91 -28.10
C ASN A 57 4.63 22.00 -28.57
N PRO A 58 5.07 22.21 -29.81
CA PRO A 58 6.22 21.50 -30.37
C PRO A 58 7.49 21.79 -29.61
N MET A 59 8.43 20.85 -29.71
CA MET A 59 9.72 21.04 -29.06
C MET A 59 10.69 20.04 -29.65
N ASP A 60 11.96 20.40 -29.63
CA ASP A 60 12.98 19.59 -30.27
C ASP A 60 14.33 19.98 -29.69
N LEU A 61 15.35 19.25 -30.10
CA LEU A 61 16.68 19.49 -29.59
C LEU A 61 17.15 20.89 -29.92
N SER A 62 17.03 21.30 -31.18
CA SER A 62 17.57 22.58 -31.60
C SER A 62 16.96 23.71 -30.80
N THR A 63 15.64 23.72 -30.65
CA THR A 63 14.97 24.73 -29.82
C THR A 63 15.47 24.70 -28.38
N ILE A 64 15.71 23.51 -27.83
CA ILE A 64 16.25 23.46 -26.48
C ILE A 64 17.68 23.97 -26.45
N LYS A 65 18.52 23.56 -27.42
CA LYS A 65 19.89 24.10 -27.47
C LYS A 65 19.89 25.62 -27.62
N ARG A 66 18.97 26.17 -28.41
CA ARG A 66 18.82 27.62 -28.53
C ARG A 66 18.48 28.24 -27.17
N LYS A 67 17.37 27.81 -26.54
CA LYS A 67 17.02 28.37 -25.24
C LYS A 67 18.19 28.27 -24.25
N LEU A 68 18.90 27.15 -24.29
CA LEU A 68 20.04 26.94 -23.40
C LEU A 68 21.24 27.81 -23.76
N ASP A 69 21.39 28.22 -25.04
CA ASP A 69 22.49 29.13 -25.35
C ASP A 69 22.11 30.59 -25.14
N THR A 70 20.86 30.95 -25.44
CA THR A 70 20.30 32.27 -25.17
C THR A 70 20.17 32.57 -23.67
N GLY A 71 20.18 31.57 -22.79
CA GLY A 71 19.87 31.83 -21.39
C GLY A 71 18.42 31.90 -20.99
N GLN A 72 17.49 31.45 -21.83
CA GLN A 72 16.04 31.50 -21.60
C GLN A 72 15.54 30.59 -20.48
N TYR A 73 16.42 29.83 -19.87
CA TYR A 73 16.10 28.88 -18.80
C TYR A 73 16.54 29.47 -17.47
N GLN A 74 15.55 29.90 -16.66
CA GLN A 74 15.82 30.49 -15.36
C GLN A 74 16.23 29.46 -14.31
N GLU A 75 15.45 28.42 -14.15
CA GLU A 75 15.62 27.28 -13.30
C GLU A 75 15.94 26.02 -14.10
N PRO A 76 16.62 25.04 -13.52
CA PRO A 76 16.89 23.80 -14.28
C PRO A 76 15.64 23.03 -14.63
N TRP A 77 14.58 23.12 -13.84
CA TRP A 77 13.38 22.37 -14.17
C TRP A 77 12.75 22.84 -15.48
N GLN A 78 13.02 24.06 -15.93
CA GLN A 78 12.39 24.51 -17.16
C GLN A 78 13.04 23.84 -18.35
N TYR A 79 14.35 23.60 -18.24
CA TYR A 79 15.04 22.79 -19.22
C TYR A 79 14.47 21.38 -19.30
N VAL A 80 14.39 20.68 -18.14
CA VAL A 80 13.88 19.31 -18.13
C VAL A 80 12.44 19.29 -18.64
N ASP A 81 11.62 20.24 -18.20
CA ASP A 81 10.26 20.31 -18.72
C ASP A 81 10.21 20.33 -20.24
N ASP A 82 11.18 20.98 -20.88
CA ASP A 82 11.09 21.11 -22.33
C ASP A 82 11.50 19.84 -23.09
N VAL A 83 12.50 19.09 -22.61
CA VAL A 83 12.83 17.80 -23.21
C VAL A 83 11.68 16.79 -23.03
N TRP A 84 11.09 16.73 -21.84
CA TRP A 84 9.97 15.80 -21.67
C TRP A 84 8.79 16.23 -22.55
N LEU A 85 8.66 17.53 -22.81
CA LEU A 85 7.66 17.97 -23.77
C LEU A 85 8.00 17.39 -25.14
N MET A 86 9.27 17.44 -25.53
CA MET A 86 9.71 16.80 -26.77
C MET A 86 9.34 15.33 -26.78
N PHE A 87 9.70 14.59 -25.71
CA PHE A 87 9.41 13.17 -25.68
C PHE A 87 7.90 12.93 -25.69
N ASN A 88 7.17 13.74 -24.91
CA ASN A 88 5.74 13.49 -24.77
C ASN A 88 4.98 13.78 -26.07
N ASN A 89 5.40 14.79 -26.84
CA ASN A 89 4.82 15.02 -28.17
C ASN A 89 4.95 13.79 -29.03
N ALA A 90 6.18 13.26 -29.17
CA ALA A 90 6.41 12.10 -30.02
C ALA A 90 5.63 10.88 -29.54
N TRP A 91 5.74 10.54 -28.25
CA TRP A 91 4.97 9.43 -27.69
C TRP A 91 3.48 9.59 -27.99
N LEU A 92 3.00 10.84 -28.03
CA LEU A 92 1.59 11.13 -28.31
C LEU A 92 1.27 10.92 -29.78
N TYR A 93 1.96 11.66 -30.66
CA TYR A 93 1.53 11.68 -32.05
C TYR A 93 1.73 10.33 -32.71
N ASN A 94 2.81 9.63 -32.36
CA ASN A 94 3.13 8.42 -33.10
C ASN A 94 2.57 7.21 -32.38
N ARG A 95 2.29 6.17 -33.13
CA ARG A 95 1.81 4.96 -32.52
C ARG A 95 2.97 4.25 -31.84
N LYS A 96 2.64 3.54 -30.76
CA LYS A 96 3.58 2.88 -29.87
C LYS A 96 4.50 1.88 -30.56
N THR A 97 4.19 1.49 -31.80
CA THR A 97 4.98 0.56 -32.59
C THR A 97 5.94 1.26 -33.55
N SER A 98 5.70 2.54 -33.87
CA SER A 98 6.45 3.19 -34.94
C SER A 98 7.94 3.26 -34.62
N ARG A 99 8.75 3.60 -35.63
CA ARG A 99 10.18 3.74 -35.38
C ARG A 99 10.45 4.89 -34.44
N VAL A 100 9.89 6.06 -34.76
CA VAL A 100 10.21 7.28 -34.02
C VAL A 100 9.80 7.10 -32.57
N TYR A 101 8.61 6.50 -32.35
CA TYR A 101 8.20 6.25 -30.98
C TYR A 101 9.28 5.46 -30.25
N LYS A 102 9.86 4.45 -30.90
CA LYS A 102 10.94 3.73 -30.24
C LYS A 102 12.23 4.53 -30.17
N PHE A 103 12.51 5.36 -31.17
CA PHE A 103 13.61 6.31 -31.02
C PHE A 103 13.44 7.14 -29.75
N CYS A 104 12.24 7.71 -29.58
CA CYS A 104 11.93 8.54 -28.42
C CYS A 104 12.20 7.81 -27.12
N SER A 105 11.69 6.57 -26.99
CA SER A 105 11.87 5.81 -25.77
C SER A 105 13.34 5.48 -25.51
N LYS A 106 14.21 5.47 -26.52
CA LYS A 106 15.65 5.31 -26.30
C LYS A 106 16.24 6.61 -25.80
N LEU A 107 15.88 7.71 -26.47
CA LEU A 107 16.31 9.01 -26.00
C LEU A 107 15.90 9.23 -24.56
N ALA A 108 14.66 8.87 -24.23
CA ALA A 108 14.18 9.10 -22.89
C ALA A 108 14.93 8.28 -21.84
N GLU A 109 15.22 7.00 -22.11
CA GLU A 109 15.98 6.22 -21.13
C GLU A 109 17.38 6.79 -21.00
N VAL A 110 17.94 7.33 -22.09
CA VAL A 110 19.26 7.96 -22.01
C VAL A 110 19.16 9.23 -21.16
N PHE A 111 18.16 10.09 -21.42
CA PHE A 111 17.99 11.30 -20.61
C PHE A 111 17.83 10.96 -19.13
N GLU A 112 16.98 9.96 -18.84
CA GLU A 112 16.78 9.56 -17.45
C GLU A 112 18.08 9.21 -16.75
N GLN A 113 19.00 8.48 -17.41
CA GLN A 113 20.24 8.17 -16.72
C GLN A 113 21.13 9.38 -16.60
N GLU A 114 21.08 10.28 -17.57
CA GLU A 114 21.99 11.43 -17.52
C GLU A 114 21.47 12.51 -16.57
N ILE A 115 20.16 12.82 -16.60
CA ILE A 115 19.67 14.04 -15.92
C ILE A 115 19.60 13.89 -14.40
N ASP A 116 19.39 12.66 -13.87
CA ASP A 116 19.25 12.46 -12.43
C ASP A 116 20.49 12.90 -11.65
N PRO A 117 21.69 12.33 -11.89
CA PRO A 117 22.86 12.78 -11.13
C PRO A 117 23.15 14.25 -11.29
N VAL A 118 22.81 14.83 -12.44
CA VAL A 118 23.11 16.23 -12.70
C VAL A 118 22.21 17.10 -11.86
N MET A 119 20.91 16.87 -11.94
CA MET A 119 19.98 17.60 -11.11
C MET A 119 20.28 17.43 -9.63
N GLN A 120 20.82 16.27 -9.22
CA GLN A 120 21.12 16.14 -7.80
C GLN A 120 22.35 16.89 -7.33
N SER A 121 23.38 17.02 -8.18
CA SER A 121 24.52 17.86 -7.89
C SER A 121 24.15 19.34 -7.96
N LEU A 122 23.09 19.68 -8.71
CA LEU A 122 22.57 21.04 -8.70
C LEU A 122 21.63 21.28 -7.53
N GLY A 123 21.47 20.27 -6.67
CA GLY A 123 20.62 20.33 -5.49
C GLY A 123 19.15 20.01 -5.64
N TYR A 124 18.79 19.20 -6.61
CA TYR A 124 17.40 18.80 -6.77
C TYR A 124 17.29 17.30 -6.55
N CYS A 125 16.06 16.79 -6.60
CA CYS A 125 15.81 15.39 -6.30
C CYS A 125 16.13 14.47 -7.48
N CYS A 126 15.74 14.88 -8.67
CA CYS A 126 15.88 14.10 -9.90
C CYS A 126 15.52 15.02 -11.06
N GLY A 127 15.57 14.48 -12.27
CA GLY A 127 15.17 15.26 -13.44
C GLY A 127 13.98 14.65 -14.16
N ARG A 128 13.08 14.00 -13.43
CA ARG A 128 11.94 13.37 -14.09
C ARG A 128 10.73 14.28 -14.16
N LYS A 129 9.84 13.96 -15.09
CA LYS A 129 8.49 14.49 -15.10
C LYS A 129 7.57 13.36 -14.73
N TYR A 130 6.78 13.56 -13.69
CA TYR A 130 5.90 12.52 -13.20
C TYR A 130 4.46 12.96 -13.32
N GLU A 131 3.60 12.02 -13.72
CA GLU A 131 2.17 12.19 -13.67
C GLU A 131 1.57 10.94 -13.05
N PHE A 132 0.45 11.12 -12.39
CA PHE A 132 -0.26 10.04 -11.73
C PHE A 132 -1.04 9.22 -12.75
N SER A 133 -1.35 7.99 -12.35
CA SER A 133 -2.01 7.07 -13.27
C SER A 133 -3.39 7.62 -13.67
N PRO A 134 -3.94 7.16 -14.81
CA PRO A 134 -5.27 7.61 -15.22
C PRO A 134 -6.39 7.19 -14.28
N GLN A 135 -7.38 8.08 -14.13
CA GLN A 135 -8.56 7.86 -13.31
C GLN A 135 -9.75 7.51 -14.24
N THR A 136 -10.98 7.62 -13.73
CA THR A 136 -12.21 7.15 -14.43
C THR A 136 -12.23 7.33 -15.97
N ASP A 199 -8.84 12.65 -21.57
CA ASP A 199 -7.54 13.08 -22.13
C ASP A 199 -6.36 13.49 -21.19
N THR A 200 -6.64 14.13 -20.05
CA THR A 200 -5.62 14.72 -19.18
C THR A 200 -5.29 13.79 -18.00
N LEU A 201 -4.03 13.89 -17.52
CA LEU A 201 -3.49 13.25 -16.32
C LEU A 201 -3.07 14.28 -15.27
N ASP A 202 -3.19 13.91 -13.98
CA ASP A 202 -2.84 14.82 -12.88
C ASP A 202 -1.34 14.73 -12.55
N PRO A 203 -0.73 15.90 -12.32
CA PRO A 203 0.71 15.97 -12.06
C PRO A 203 1.13 15.67 -10.63
N GLU A 204 2.29 15.02 -10.48
CA GLU A 204 2.86 14.87 -9.15
C GLU A 204 3.06 16.22 -8.50
N PRO A 205 3.10 16.27 -7.18
CA PRO A 205 3.25 17.56 -6.52
C PRO A 205 4.68 17.89 -6.19
N PHE A 206 4.91 19.22 -6.13
CA PHE A 206 6.18 19.84 -5.78
C PHE A 206 6.06 20.54 -4.44
N VAL A 207 7.19 20.66 -3.76
CA VAL A 207 7.32 21.51 -2.58
C VAL A 207 8.52 22.42 -2.88
N ASP A 208 8.49 23.64 -2.36
CA ASP A 208 9.65 24.53 -2.48
C ASP A 208 10.36 24.55 -1.13
N CYS A 209 11.68 24.39 -1.16
CA CYS A 209 12.47 24.63 0.03
C CYS A 209 12.33 26.05 0.56
N LYS A 210 11.98 26.18 1.84
CA LYS A 210 11.85 27.51 2.41
C LYS A 210 13.15 28.31 2.44
N GLU A 211 14.32 27.65 2.33
CA GLU A 211 15.59 28.35 2.24
C GLU A 211 16.02 28.53 0.78
N CYS A 212 16.31 27.43 0.07
CA CYS A 212 16.76 27.51 -1.32
C CYS A 212 15.76 28.27 -2.19
N GLY A 213 14.50 27.86 -2.12
CA GLY A 213 13.51 28.11 -3.15
C GLY A 213 13.53 27.12 -4.29
N ARG A 214 14.50 26.22 -4.31
CA ARG A 214 14.58 25.18 -5.33
C ARG A 214 13.40 24.23 -5.20
N LYS A 215 12.60 24.14 -6.26
CA LYS A 215 11.47 23.23 -6.33
C LYS A 215 11.91 21.77 -6.39
N MET A 216 11.27 20.93 -5.58
CA MET A 216 11.55 19.50 -5.48
C MET A 216 10.24 18.72 -5.59
N HIS A 217 10.32 17.45 -5.97
CA HIS A 217 9.16 16.55 -5.95
C HIS A 217 8.84 16.17 -4.51
N GLN A 218 7.63 16.49 -4.08
CA GLN A 218 7.21 16.14 -2.73
C GLN A 218 7.37 14.65 -2.48
N ILE A 219 7.09 13.83 -3.48
CA ILE A 219 7.25 12.39 -3.27
C ILE A 219 8.71 11.96 -3.20
N CYS A 220 9.57 12.63 -3.96
CA CYS A 220 10.99 12.28 -3.94
C CYS A 220 11.57 12.52 -2.54
N VAL A 221 11.31 13.69 -1.97
CA VAL A 221 11.81 14.11 -0.66
C VAL A 221 10.92 13.70 0.51
N LEU A 222 9.74 13.15 0.27
CA LEU A 222 8.86 12.70 1.34
C LEU A 222 8.64 13.77 2.41
N HIS A 223 8.12 14.91 1.98
CA HIS A 223 7.76 16.00 2.88
C HIS A 223 6.24 16.19 2.96
N TYR A 224 5.75 16.44 4.18
CA TYR A 224 4.32 16.55 4.47
C TYR A 224 4.19 17.58 5.59
N ASP A 225 3.35 18.61 5.39
CA ASP A 225 3.32 19.68 6.38
C ASP A 225 2.78 19.22 7.73
N ILE A 226 1.91 18.23 7.74
CA ILE A 226 1.34 17.74 9.00
C ILE A 226 2.46 17.24 9.91
N ILE A 227 3.41 16.49 9.36
CA ILE A 227 4.53 15.98 10.16
C ILE A 227 5.48 17.11 10.51
N TRP A 228 5.85 17.93 9.51
CA TRP A 228 6.81 19.02 9.72
C TRP A 228 6.14 20.34 9.39
N PRO A 229 5.42 20.95 10.33
CA PRO A 229 4.53 22.09 9.98
C PRO A 229 5.23 23.41 9.74
N SER A 230 6.49 23.50 10.08
CA SER A 230 7.21 24.71 9.76
C SER A 230 7.73 24.73 8.32
N GLY A 231 7.30 23.77 7.50
CA GLY A 231 7.50 23.84 6.07
C GLY A 231 8.73 23.04 5.67
N PHE A 232 8.92 22.94 4.37
CA PHE A 232 9.98 22.10 3.82
C PHE A 232 11.31 22.85 3.77
N VAL A 233 12.34 22.25 4.36
CA VAL A 233 13.72 22.75 4.26
C VAL A 233 14.62 21.63 3.71
N CYS A 234 15.21 21.86 2.53
CA CYS A 234 16.09 20.90 1.87
C CYS A 234 17.25 20.32 2.75
N ASP A 235 17.73 19.13 2.40
CA ASP A 235 18.73 18.45 3.23
C ASP A 235 20.07 19.17 3.24
N ASN A 236 20.46 19.78 2.13
CA ASN A 236 21.74 20.48 2.08
C ASN A 236 21.67 21.76 2.89
N CYS A 237 20.61 22.54 2.69
CA CYS A 237 20.41 23.74 3.50
C CYS A 237 20.37 23.37 4.99
N LEU A 238 19.94 22.15 5.32
CA LEU A 238 20.05 21.70 6.71
C LEU A 238 21.47 21.33 7.13
N LYS A 239 22.33 20.89 6.21
CA LYS A 239 23.73 20.70 6.61
C LYS A 239 24.44 22.00 6.90
N LYS A 240 24.11 23.08 6.20
CA LYS A 240 24.65 24.38 6.57
C LYS A 240 23.94 24.90 7.79
N THR A 241 22.73 24.41 7.99
CA THR A 241 21.83 24.82 9.05
C THR A 241 22.35 24.24 10.35
N GLY A 242 23.21 23.18 10.29
CA GLY A 242 23.55 22.57 11.55
C GLY A 242 22.52 21.55 12.00
N ARG A 243 21.22 21.90 11.86
CA ARG A 243 20.07 21.09 12.28
C ARG A 243 19.81 19.92 11.34
N PRO A 244 19.56 18.68 11.87
CA PRO A 244 19.22 17.57 10.95
C PRO A 244 17.72 17.65 10.71
N ARG A 245 17.07 16.79 9.91
CA ARG A 245 15.61 16.88 9.87
C ARG A 245 15.07 16.39 11.21
N LYS A 246 13.98 16.96 11.74
CA LYS A 246 13.39 16.34 12.92
C LYS A 246 12.71 15.01 12.56
N GLU A 247 12.70 14.09 13.52
CA GLU A 247 12.16 12.74 13.32
C GLU A 247 10.65 12.74 13.04
N ASN A 248 10.25 11.87 12.11
CA ASN A 248 8.84 11.60 11.85
C ASN A 248 8.32 10.66 12.95
N LYS A 249 7.49 11.20 13.85
CA LYS A 249 6.88 10.46 14.95
C LYS A 249 5.66 9.64 14.53
N PHE A 250 5.20 9.81 13.31
CA PHE A 250 4.03 9.12 12.77
C PHE A 250 4.47 7.85 12.06
N SER A 251 5.20 7.01 12.78
CA SER A 251 5.75 5.84 12.13
C SER A 251 4.85 4.63 12.33
N ALA A 252 5.16 3.58 11.56
CA ALA A 252 4.42 2.32 11.74
C ALA A 252 4.70 1.70 13.08
N LYS A 253 5.97 1.61 13.46
CA LYS A 253 6.31 1.06 14.78
C LYS A 253 5.50 1.74 15.85
N ARG A 254 5.29 3.05 15.76
CA ARG A 254 4.63 3.82 16.81
C ARG A 254 3.10 3.82 16.73
N LEU A 255 2.50 3.13 15.76
CA LEU A 255 1.07 2.87 15.81
C LEU A 255 0.84 1.97 17.01
N GLN A 256 -0.28 2.18 17.70
CA GLN A 256 -0.59 1.39 18.90
C GLN A 256 -0.42 -0.10 18.68
N THR A 257 0.31 -0.71 19.62
CA THR A 257 0.59 -2.12 19.57
C THR A 257 -0.58 -2.93 20.15
N THR A 258 -0.64 -4.21 19.77
CA THR A 258 -1.63 -5.17 20.26
C THR A 258 -0.97 -6.55 20.36
N ARG A 259 -1.54 -7.42 21.21
CA ARG A 259 -1.05 -8.81 21.26
C ARG A 259 -1.21 -9.52 19.91
N LEU A 260 -2.32 -9.30 19.20
CA LEU A 260 -2.43 -9.90 17.87
C LEU A 260 -1.33 -9.40 16.95
N GLY A 261 -1.20 -8.07 16.84
CA GLY A 261 -0.14 -7.48 16.04
C GLY A 261 1.23 -7.97 16.48
N ASN A 262 1.45 -8.03 17.80
CA ASN A 262 2.77 -8.35 18.31
C ASN A 262 3.13 -9.78 17.95
N HIS A 263 2.19 -10.72 18.14
CA HIS A 263 2.45 -12.11 17.78
C HIS A 263 2.89 -12.27 16.33
N LEU A 264 2.22 -11.56 15.42
CA LEU A 264 2.58 -11.72 14.02
C LEU A 264 3.96 -11.14 13.71
N GLU A 265 4.26 -9.93 14.16
CA GLU A 265 5.58 -9.38 13.84
C GLU A 265 6.70 -10.11 14.58
N ASP A 266 6.50 -10.46 15.85
CA ASP A 266 7.48 -11.24 16.58
C ASP A 266 7.82 -12.56 15.89
N ARG A 267 6.86 -13.16 15.19
CA ARG A 267 7.14 -14.45 14.58
C ARG A 267 7.91 -14.34 13.27
N VAL A 268 7.60 -13.30 12.50
CA VAL A 268 8.27 -13.05 11.23
C VAL A 268 9.70 -12.56 11.42
N ASN A 269 9.97 -11.68 12.37
CA ASN A 269 11.32 -11.14 12.43
C ASN A 269 12.37 -12.18 12.80
N LYS A 270 12.10 -13.08 13.76
CA LYS A 270 13.04 -14.20 13.94
C LYS A 270 13.15 -15.08 12.70
N PHE A 271 12.08 -15.20 11.94
CA PHE A 271 12.14 -15.94 10.69
C PHE A 271 13.02 -15.21 9.69
N LEU A 272 12.91 -13.89 9.60
CA LEU A 272 13.77 -13.20 8.62
C LEU A 272 15.21 -13.31 9.07
N ARG A 273 15.39 -13.42 10.39
CA ARG A 273 16.69 -13.59 11.03
C ARG A 273 17.31 -14.93 10.65
N ARG A 274 16.50 -15.99 10.67
CA ARG A 274 17.02 -17.30 10.28
C ARG A 274 17.59 -17.31 8.86
N GLN A 275 17.04 -16.53 7.91
CA GLN A 275 17.70 -16.44 6.61
C GLN A 275 18.89 -15.47 6.66
N ASN A 276 18.74 -14.41 7.46
CA ASN A 276 19.78 -13.40 7.66
C ASN A 276 20.33 -12.85 6.34
N HIS A 277 19.38 -12.37 5.47
CA HIS A 277 19.72 -11.71 4.21
C HIS A 277 20.05 -10.25 4.54
N PRO A 278 21.10 -9.70 3.92
CA PRO A 278 21.56 -8.36 4.30
C PRO A 278 20.66 -7.22 3.85
N GLU A 279 19.88 -7.41 2.78
CA GLU A 279 19.01 -6.34 2.29
C GLU A 279 17.76 -6.17 3.15
N ALA A 280 17.44 -7.14 4.00
CA ALA A 280 16.18 -7.10 4.72
C ALA A 280 16.21 -6.07 5.84
N GLY A 281 15.03 -5.52 6.12
CA GLY A 281 14.80 -4.60 7.21
C GLY A 281 13.74 -5.13 8.16
N GLU A 282 13.48 -4.35 9.20
CA GLU A 282 12.47 -4.70 10.19
C GLU A 282 11.05 -4.67 9.60
N VAL A 283 10.22 -5.60 10.09
CA VAL A 283 8.79 -5.66 9.77
C VAL A 283 7.99 -5.28 11.01
N PHE A 284 7.05 -4.35 10.84
CA PHE A 284 6.08 -3.97 11.86
C PHE A 284 4.69 -4.46 11.46
N VAL A 285 4.03 -5.21 12.34
CA VAL A 285 2.65 -5.63 12.10
C VAL A 285 1.76 -4.94 13.11
N ARG A 286 0.72 -4.26 12.59
CA ARG A 286 -0.21 -3.46 13.40
C ARG A 286 -1.64 -3.80 13.01
N VAL A 287 -2.47 -4.16 14.00
CA VAL A 287 -3.92 -4.14 13.85
C VAL A 287 -4.31 -2.67 13.95
N VAL A 288 -4.92 -2.11 12.88
CA VAL A 288 -5.22 -0.69 12.80
C VAL A 288 -6.71 -0.41 12.95
N ALA A 289 -7.54 -1.44 13.09
CA ALA A 289 -8.97 -1.26 13.28
C ALA A 289 -9.57 -2.53 13.84
N SER A 290 -10.52 -2.36 14.74
CA SER A 290 -11.29 -3.51 15.22
C SER A 290 -12.63 -2.98 15.70
N SER A 291 -13.69 -3.74 15.47
CA SER A 291 -15.02 -3.32 15.89
C SER A 291 -15.92 -4.54 15.85
N ASP A 292 -17.07 -4.42 16.50
CA ASP A 292 -18.04 -5.49 16.61
C ASP A 292 -19.17 -5.27 15.62
N LYS A 293 -19.43 -6.26 14.76
CA LYS A 293 -20.42 -6.11 13.69
C LYS A 293 -21.34 -7.32 13.72
N THR A 294 -22.36 -7.28 12.88
CA THR A 294 -23.24 -8.41 12.65
C THR A 294 -23.46 -8.54 11.16
N VAL A 295 -23.66 -9.77 10.69
CA VAL A 295 -24.01 -10.07 9.30
C VAL A 295 -25.48 -10.49 9.27
N GLU A 296 -26.29 -9.75 8.51
CA GLU A 296 -27.71 -10.01 8.39
C GLU A 296 -27.97 -11.08 7.35
N VAL A 297 -28.76 -12.10 7.70
CA VAL A 297 -29.17 -13.10 6.72
C VAL A 297 -29.98 -12.44 5.60
N LYS A 298 -29.66 -12.78 4.35
CA LYS A 298 -30.28 -12.08 3.23
C LYS A 298 -31.74 -12.52 3.09
N PRO A 299 -32.56 -11.73 2.37
CA PRO A 299 -34.03 -11.97 2.42
C PRO A 299 -34.50 -13.36 2.03
N GLY A 300 -33.95 -13.96 1.00
CA GLY A 300 -34.40 -15.30 0.65
C GLY A 300 -34.19 -16.33 1.72
N MET A 301 -32.93 -16.53 2.11
CA MET A 301 -32.67 -17.52 3.14
C MET A 301 -33.33 -17.15 4.46
N LYS A 302 -33.56 -15.85 4.67
CA LYS A 302 -34.23 -15.38 5.89
C LYS A 302 -35.64 -15.95 5.99
N SER A 303 -36.51 -15.68 5.01
CA SER A 303 -37.87 -16.20 5.16
C SER A 303 -37.92 -17.72 5.12
N ARG A 304 -36.93 -18.37 4.51
CA ARG A 304 -36.93 -19.82 4.41
C ARG A 304 -36.39 -20.50 5.69
N PHE A 305 -35.59 -19.80 6.53
CA PHE A 305 -34.97 -20.44 7.70
C PHE A 305 -34.93 -19.65 9.02
N VAL A 306 -34.99 -18.31 9.08
CA VAL A 306 -34.85 -17.65 10.38
C VAL A 306 -36.18 -17.58 11.09
N ASP A 307 -37.20 -17.30 10.29
CA ASP A 307 -38.57 -17.16 10.76
C ASP A 307 -39.02 -18.50 11.31
N SER A 308 -38.55 -19.58 10.68
CA SER A 308 -38.75 -20.91 11.21
C SER A 308 -38.01 -21.13 12.53
N GLY A 309 -37.04 -20.27 12.84
CA GLY A 309 -36.20 -20.41 14.02
C GLY A 309 -35.06 -21.42 13.88
N GLU A 310 -34.75 -21.84 12.65
CA GLU A 310 -33.61 -22.73 12.49
C GLU A 310 -32.23 -22.07 12.45
N MET A 311 -32.12 -20.83 11.94
CA MET A 311 -30.90 -20.01 12.02
C MET A 311 -31.18 -18.66 12.68
N SER A 312 -30.16 -18.15 13.35
CA SER A 312 -30.28 -16.79 13.87
C SER A 312 -30.38 -15.75 12.75
N GLU A 313 -31.10 -14.68 13.04
CA GLU A 313 -31.29 -13.61 12.07
C GLU A 313 -30.00 -12.87 11.77
N SER A 314 -29.08 -12.80 12.73
CA SER A 314 -27.83 -12.11 12.51
C SER A 314 -26.75 -12.80 13.31
N PHE A 315 -25.52 -12.66 12.82
CA PHE A 315 -24.44 -13.33 13.50
C PHE A 315 -23.42 -12.29 13.95
N PRO A 316 -23.06 -12.24 15.24
CA PRO A 316 -22.05 -11.27 15.67
C PRO A 316 -20.66 -11.72 15.25
N TYR A 317 -19.83 -10.75 14.89
CA TYR A 317 -18.41 -11.02 14.69
C TYR A 317 -17.62 -9.78 14.99
N ARG A 318 -16.33 -10.00 15.20
CA ARG A 318 -15.40 -8.91 15.35
C ARG A 318 -14.58 -8.87 14.09
N THR A 319 -14.50 -7.73 13.44
CA THR A 319 -13.62 -7.64 12.29
C THR A 319 -12.38 -6.86 12.69
N LYS A 320 -11.26 -7.23 12.09
CA LYS A 320 -10.00 -6.58 12.35
C LYS A 320 -9.33 -6.36 11.02
N ALA A 321 -8.68 -5.22 10.87
CA ALA A 321 -7.87 -4.89 9.70
C ALA A 321 -6.45 -4.78 10.18
N LEU A 322 -5.53 -5.49 9.54
CA LEU A 322 -4.15 -5.37 9.99
C LEU A 322 -3.22 -5.24 8.81
N PHE A 323 -2.13 -4.53 9.04
CA PHE A 323 -1.15 -4.23 8.01
C PHE A 323 0.25 -4.54 8.53
N ALA A 324 1.14 -4.90 7.59
CA ALA A 324 2.55 -5.09 7.87
C ALA A 324 3.33 -4.03 7.13
N PHE A 325 4.39 -3.51 7.79
CA PHE A 325 5.25 -2.53 7.15
C PHE A 325 6.68 -3.02 7.25
N GLU A 326 7.49 -2.71 6.23
CA GLU A 326 8.91 -3.01 6.27
C GLU A 326 9.68 -1.69 6.20
N GLU A 327 10.77 -1.61 6.95
CA GLU A 327 11.76 -0.54 6.76
C GLU A 327 12.55 -0.74 5.48
N ILE A 328 12.44 0.23 4.56
CA ILE A 328 13.19 0.20 3.30
C ILE A 328 13.77 1.59 3.08
N ASP A 329 15.08 1.65 2.88
CA ASP A 329 15.80 2.92 2.79
C ASP A 329 15.48 3.84 3.95
N GLY A 330 15.34 3.26 5.14
CA GLY A 330 15.13 4.03 6.34
C GLY A 330 13.77 4.67 6.48
N VAL A 331 12.80 4.27 5.66
CA VAL A 331 11.43 4.73 5.83
C VAL A 331 10.49 3.53 5.81
N ASP A 332 9.31 3.74 6.37
CA ASP A 332 8.25 2.74 6.43
C ASP A 332 7.66 2.48 5.05
N VAL A 333 7.52 1.22 4.66
CA VAL A 333 6.82 0.85 3.43
C VAL A 333 5.79 -0.23 3.77
N CYS A 334 4.52 0.05 3.49
CA CYS A 334 3.43 -0.91 3.69
C CYS A 334 3.42 -1.91 2.55
N PHE A 335 3.54 -3.21 2.88
CA PHE A 335 3.58 -4.24 1.87
C PHE A 335 2.48 -5.29 1.98
N PHE A 336 1.62 -5.26 2.99
CA PHE A 336 0.68 -6.35 3.19
C PHE A 336 -0.49 -5.90 4.05
N GLY A 337 -1.69 -6.36 3.71
CA GLY A 337 -2.90 -5.92 4.40
C GLY A 337 -3.93 -7.02 4.32
N MET A 338 -4.80 -7.07 5.33
CA MET A 338 -5.72 -8.18 5.47
C MET A 338 -6.81 -7.79 6.46
N HIS A 339 -8.06 -8.08 6.09
CA HIS A 339 -9.22 -7.95 6.97
C HIS A 339 -9.70 -9.34 7.32
N VAL A 340 -10.15 -9.52 8.54
CA VAL A 340 -10.56 -10.85 8.93
C VAL A 340 -11.88 -10.67 9.66
N GLN A 341 -12.64 -11.76 9.72
CA GLN A 341 -13.90 -11.75 10.46
C GLN A 341 -13.81 -12.88 11.45
N GLU A 342 -14.17 -12.60 12.70
CA GLU A 342 -13.99 -13.55 13.78
C GLU A 342 -15.31 -13.73 14.50
N TYR A 343 -15.85 -14.95 14.42
CA TYR A 343 -17.13 -15.32 15.00
C TYR A 343 -16.85 -16.13 16.27
N GLY A 344 -17.18 -15.57 17.41
CA GLY A 344 -16.73 -16.11 18.67
C GLY A 344 -17.51 -17.33 19.12
N SER A 345 -17.41 -17.61 20.42
CA SER A 345 -18.02 -18.75 21.07
C SER A 345 -19.45 -18.50 21.52
N ASP A 346 -19.91 -17.24 21.55
CA ASP A 346 -21.32 -17.00 21.78
C ASP A 346 -22.10 -16.86 20.48
N CYS A 347 -21.45 -17.03 19.36
CA CYS A 347 -22.16 -16.96 18.10
C CYS A 347 -22.87 -18.29 17.83
N PRO A 348 -24.14 -18.26 17.46
CA PRO A 348 -24.86 -19.50 17.22
C PRO A 348 -24.32 -20.22 16.01
N PRO A 349 -24.58 -21.51 15.89
CA PRO A 349 -24.33 -22.23 14.62
C PRO A 349 -24.97 -21.53 13.43
N PRO A 350 -24.40 -21.67 12.22
CA PRO A 350 -23.18 -22.45 11.94
C PRO A 350 -21.84 -21.72 12.03
N ASN A 351 -21.78 -20.52 12.62
CA ASN A 351 -20.57 -19.73 12.57
C ASN A 351 -19.75 -19.79 13.84
N THR A 352 -20.16 -20.61 14.80
CA THR A 352 -19.52 -20.65 16.10
C THR A 352 -18.01 -20.93 15.96
N ARG A 353 -17.20 -20.08 16.59
CA ARG A 353 -15.75 -20.27 16.68
C ARG A 353 -15.05 -20.37 15.33
N ARG A 354 -15.37 -19.46 14.42
CA ARG A 354 -14.82 -19.47 13.06
C ARG A 354 -14.15 -18.13 12.76
N VAL A 355 -13.03 -18.19 12.04
CA VAL A 355 -12.39 -17.00 11.50
C VAL A 355 -12.42 -17.10 9.98
N TYR A 356 -12.58 -15.95 9.33
CA TYR A 356 -12.68 -15.91 7.87
C TYR A 356 -11.80 -14.77 7.37
N ILE A 357 -11.00 -15.04 6.34
CA ILE A 357 -10.14 -14.01 5.77
C ILE A 357 -10.96 -13.29 4.70
N SER A 358 -11.49 -12.12 5.07
CA SER A 358 -12.30 -11.36 4.13
C SER A 358 -11.49 -11.00 2.90
N TYR A 359 -10.37 -10.32 3.11
CA TYR A 359 -9.57 -9.75 2.05
C TYR A 359 -8.09 -9.77 2.40
N LEU A 360 -7.28 -10.05 1.41
CA LEU A 360 -5.83 -10.15 1.55
C LEU A 360 -5.27 -9.46 0.33
N ASP A 361 -4.37 -8.50 0.54
CA ASP A 361 -3.83 -7.70 -0.55
C ASP A 361 -2.35 -7.45 -0.33
N SER A 362 -1.65 -7.09 -1.39
CA SER A 362 -0.20 -7.02 -1.27
C SER A 362 0.41 -6.18 -2.36
N ILE A 363 1.57 -5.60 -2.02
CA ILE A 363 2.38 -4.75 -2.91
C ILE A 363 3.82 -5.27 -2.84
N HIS A 364 4.42 -5.56 -3.99
CA HIS A 364 5.52 -6.54 -4.04
C HIS A 364 6.89 -5.97 -3.68
N PHE A 365 6.98 -4.83 -3.01
CA PHE A 365 8.26 -4.17 -2.79
C PHE A 365 9.01 -4.67 -1.55
N PHE A 366 8.58 -5.77 -0.94
CA PHE A 366 9.34 -6.30 0.18
C PHE A 366 10.74 -6.65 -0.27
N ARG A 367 11.71 -6.37 0.59
CA ARG A 367 13.12 -6.65 0.34
C ARG A 367 13.62 -7.67 1.35
N PRO A 368 14.24 -8.78 0.90
CA PRO A 368 14.46 -9.12 -0.51
C PRO A 368 13.29 -9.87 -1.15
N ARG A 369 13.20 -9.79 -2.49
CA ARG A 369 12.18 -10.53 -3.24
C ARG A 369 12.14 -12.00 -2.89
N CYS A 370 13.31 -12.62 -2.67
N CYS A 370 13.31 -12.62 -2.67
CA CYS A 370 13.32 -14.06 -2.43
CA CYS A 370 13.32 -14.06 -2.43
C CYS A 370 12.76 -14.44 -1.07
C CYS A 370 12.76 -14.44 -1.07
N LEU A 371 12.44 -13.48 -0.21
CA LEU A 371 11.79 -13.76 1.06
C LEU A 371 10.36 -13.23 1.12
N ARG A 372 9.86 -12.63 0.05
CA ARG A 372 8.58 -11.93 0.16
C ARG A 372 7.44 -12.87 0.54
N THR A 373 7.21 -13.91 -0.27
CA THR A 373 6.08 -14.79 -0.03
C THR A 373 6.22 -15.52 1.30
N ALA A 374 7.43 -15.94 1.62
CA ALA A 374 7.65 -16.67 2.86
C ALA A 374 7.20 -15.83 4.04
N VAL A 375 7.36 -14.51 3.92
CA VAL A 375 6.92 -13.62 4.99
C VAL A 375 5.40 -13.48 4.97
N TYR A 376 4.78 -13.42 3.79
CA TYR A 376 3.32 -13.47 3.74
C TYR A 376 2.80 -14.73 4.41
N HIS A 377 3.39 -15.89 4.09
CA HIS A 377 2.95 -17.13 4.74
C HIS A 377 3.13 -17.05 6.25
N GLU A 378 4.25 -16.50 6.71
CA GLU A 378 4.48 -16.40 8.15
C GLU A 378 3.38 -15.59 8.84
N ILE A 379 2.94 -14.48 8.23
CA ILE A 379 1.84 -13.71 8.80
C ILE A 379 0.57 -14.54 8.85
N LEU A 380 0.21 -15.16 7.72
CA LEU A 380 -0.99 -15.98 7.65
C LEU A 380 -0.90 -17.16 8.59
N ILE A 381 0.20 -17.91 8.50
CA ILE A 381 0.40 -19.02 9.41
C ILE A 381 0.31 -18.52 10.86
N GLY A 382 0.84 -17.32 11.11
CA GLY A 382 0.82 -16.73 12.44
C GLY A 382 -0.56 -16.35 12.94
N TYR A 383 -1.41 -15.86 12.03
CA TYR A 383 -2.78 -15.53 12.43
C TYR A 383 -3.52 -16.77 12.93
N LEU A 384 -3.37 -17.90 12.22
CA LEU A 384 -4.03 -19.14 12.64
C LEU A 384 -3.53 -19.60 14.01
N GLU A 385 -2.22 -19.57 14.22
CA GLU A 385 -1.70 -19.96 15.52
C GLU A 385 -2.28 -19.09 16.63
N TYR A 386 -2.43 -17.79 16.40
CA TYR A 386 -2.93 -16.90 17.44
C TYR A 386 -4.39 -17.19 17.81
N VAL A 387 -5.27 -17.27 16.81
CA VAL A 387 -6.69 -17.46 17.11
C VAL A 387 -6.99 -18.88 17.57
N LYS A 388 -6.23 -19.87 17.11
CA LYS A 388 -6.32 -21.19 17.72
C LYS A 388 -6.04 -21.11 19.21
N LYS A 389 -5.02 -20.35 19.59
CA LYS A 389 -4.68 -20.27 21.00
C LYS A 389 -5.79 -19.60 21.79
N LEU A 390 -6.45 -18.59 21.21
CA LEU A 390 -7.52 -17.92 21.95
C LEU A 390 -8.78 -18.76 22.03
N GLY A 391 -8.89 -19.78 21.18
CA GLY A 391 -10.00 -20.71 21.23
C GLY A 391 -10.82 -20.92 19.97
N TYR A 392 -10.43 -20.33 18.85
CA TYR A 392 -11.15 -20.59 17.61
C TYR A 392 -10.84 -22.02 17.12
N VAL A 393 -11.77 -22.60 16.34
CA VAL A 393 -11.67 -24.01 15.95
C VAL A 393 -11.40 -24.19 14.46
N THR A 394 -12.01 -23.37 13.58
CA THR A 394 -11.88 -23.55 12.13
C THR A 394 -11.59 -22.19 11.50
N GLY A 395 -10.79 -22.19 10.43
CA GLY A 395 -10.54 -21.00 9.64
C GLY A 395 -10.97 -21.20 8.20
N HIS A 396 -11.26 -20.13 7.46
CA HIS A 396 -11.79 -20.30 6.11
C HIS A 396 -11.17 -19.33 5.13
N ILE A 397 -10.74 -19.84 3.98
CA ILE A 397 -10.18 -18.98 2.94
C ILE A 397 -10.94 -19.20 1.64
N TRP A 398 -11.30 -18.10 1.01
CA TRP A 398 -11.89 -18.02 -0.31
C TRP A 398 -10.79 -17.51 -1.23
N ALA A 399 -10.15 -18.40 -1.96
CA ALA A 399 -8.98 -18.01 -2.73
C ALA A 399 -9.48 -17.53 -4.09
N CYS A 400 -9.76 -16.24 -4.20
CA CYS A 400 -10.32 -15.65 -5.40
C CYS A 400 -9.48 -14.45 -5.82
N PRO A 401 -8.92 -14.49 -7.02
CA PRO A 401 -8.05 -13.41 -7.55
C PRO A 401 -8.89 -12.23 -8.05
N PRO A 402 -8.40 -10.99 -7.95
CA PRO A 402 -9.30 -9.85 -8.14
C PRO A 402 -9.80 -9.83 -9.58
N SER A 403 -11.03 -9.36 -9.73
CA SER A 403 -11.64 -9.19 -11.03
C SER A 403 -11.16 -7.88 -11.65
N GLU A 404 -11.30 -7.80 -12.97
CA GLU A 404 -10.88 -6.64 -13.73
C GLU A 404 -9.51 -6.12 -13.29
N GLY A 405 -9.47 -4.87 -12.86
CA GLY A 405 -8.25 -4.21 -12.45
C GLY A 405 -8.66 -3.50 -11.17
N ASP A 406 -9.52 -4.22 -10.44
CA ASP A 406 -9.96 -3.94 -9.07
C ASP A 406 -8.98 -4.39 -8.00
N ASP A 407 -8.46 -3.40 -7.27
CA ASP A 407 -7.61 -3.56 -6.09
C ASP A 407 -8.40 -3.80 -4.81
N TYR A 408 -8.04 -4.90 -4.12
CA TYR A 408 -8.69 -5.25 -2.86
C TYR A 408 -8.45 -4.18 -1.78
N ILE A 409 -7.18 -3.88 -1.42
CA ILE A 409 -6.89 -3.00 -0.29
C ILE A 409 -6.05 -1.80 -0.71
N PHE A 410 -5.01 -2.01 -1.52
CA PHE A 410 -4.09 -0.93 -1.94
C PHE A 410 -4.54 -0.38 -3.29
N HIS A 411 -4.61 0.95 -3.38
CA HIS A 411 -5.05 1.76 -4.54
C HIS A 411 -4.21 1.81 -5.79
N CYS A 412 -3.02 1.27 -5.96
CA CYS A 412 -2.56 1.31 -7.34
C CYS A 412 -1.40 0.37 -7.43
N HIS A 413 -1.62 -0.89 -7.71
CA HIS A 413 -0.51 -1.80 -7.65
C HIS A 413 0.45 -1.53 -8.79
N PRO A 414 1.67 -2.03 -8.69
CA PRO A 414 2.63 -1.84 -9.77
C PRO A 414 2.09 -2.42 -11.07
N PRO A 415 2.26 -1.69 -12.17
CA PRO A 415 1.81 -2.19 -13.46
C PRO A 415 2.35 -3.55 -13.76
N ASP A 416 3.52 -3.89 -13.21
CA ASP A 416 4.09 -5.19 -13.51
C ASP A 416 4.00 -6.19 -12.36
N GLN A 417 3.13 -5.98 -11.36
CA GLN A 417 2.89 -7.05 -10.38
C GLN A 417 1.87 -8.02 -10.95
N LYS A 418 2.22 -9.30 -11.09
CA LYS A 418 1.35 -10.25 -11.76
C LYS A 418 0.12 -10.56 -10.89
N ILE A 419 -1.08 -10.47 -11.46
CA ILE A 419 -2.30 -10.97 -10.83
C ILE A 419 -2.44 -12.45 -11.18
N PRO A 420 -2.37 -13.34 -10.21
CA PRO A 420 -2.31 -14.78 -10.50
C PRO A 420 -3.63 -15.36 -10.97
N LYS A 421 -3.47 -16.37 -11.82
CA LYS A 421 -4.51 -17.31 -12.20
C LYS A 421 -5.06 -17.97 -10.93
N PRO A 422 -6.37 -18.31 -10.91
CA PRO A 422 -6.93 -18.92 -9.69
C PRO A 422 -6.22 -20.21 -9.32
N LYS A 423 -5.76 -21.01 -10.29
CA LYS A 423 -4.97 -22.20 -9.98
C LYS A 423 -3.69 -21.79 -9.25
N ARG A 424 -3.06 -20.71 -9.71
CA ARG A 424 -1.87 -20.22 -9.02
C ARG A 424 -2.25 -19.81 -7.61
N LEU A 425 -3.35 -19.06 -7.51
CA LEU A 425 -3.80 -18.61 -6.21
C LEU A 425 -4.10 -19.79 -5.30
N GLN A 426 -4.69 -20.88 -5.86
CA GLN A 426 -5.02 -22.02 -4.99
C GLN A 426 -3.77 -22.80 -4.61
N GLU A 427 -2.83 -23.03 -5.56
CA GLU A 427 -1.54 -23.60 -5.15
C GLU A 427 -0.88 -22.78 -4.05
N TRP A 428 -0.96 -21.46 -4.16
CA TRP A 428 -0.36 -20.59 -3.16
C TRP A 428 -0.89 -20.90 -1.76
N CYS A 429 -2.22 -20.89 -1.60
CA CYS A 429 -2.84 -21.28 -0.33
C CYS A 429 -2.49 -22.71 0.04
N LYS A 430 -2.36 -23.59 -0.96
CA LYS A 430 -2.12 -25.00 -0.68
C LYS A 430 -0.78 -25.14 0.05
N LYS A 431 0.26 -24.50 -0.49
CA LYS A 431 1.58 -24.50 0.13
C LYS A 431 1.51 -23.79 1.46
N MET A 432 0.71 -22.73 1.52
CA MET A 432 0.59 -21.99 2.77
C MET A 432 0.05 -22.87 3.89
N LEU A 433 -1.04 -23.61 3.64
CA LEU A 433 -1.61 -24.44 4.73
C LEU A 433 -0.72 -25.62 5.11
N ASP A 434 -0.10 -26.24 4.11
CA ASP A 434 0.86 -27.36 4.30
C ASP A 434 2.03 -26.97 5.18
N LYS A 435 2.57 -25.77 5.02
CA LYS A 435 3.61 -25.30 5.92
C LYS A 435 3.13 -25.30 7.37
N ALA A 436 1.87 -24.91 7.60
CA ALA A 436 1.39 -24.85 8.98
C ALA A 436 1.17 -26.23 9.60
N PHE A 437 0.60 -27.17 8.83
CA PHE A 437 0.44 -28.54 9.32
C PHE A 437 1.79 -29.11 9.74
N ALA A 438 2.80 -28.97 8.87
CA ALA A 438 4.15 -29.49 9.15
C ALA A 438 4.75 -28.92 10.44
N GLU A 439 4.56 -27.62 10.69
CA GLU A 439 5.09 -26.88 11.85
C GLU A 439 4.26 -27.06 13.12
N ARG A 440 3.31 -28.01 13.07
CA ARG A 440 2.38 -28.40 14.12
C ARG A 440 1.49 -27.27 14.60
N ILE A 441 1.14 -26.31 13.74
CA ILE A 441 0.13 -25.32 14.12
C ILE A 441 -1.24 -25.68 13.59
N ILE A 442 -1.31 -26.13 12.33
CA ILE A 442 -2.56 -26.65 11.80
C ILE A 442 -2.50 -28.15 11.99
N ASN A 443 -3.60 -28.76 12.43
CA ASN A 443 -3.68 -30.22 12.48
C ASN A 443 -4.05 -30.79 11.10
N ASP A 444 -4.87 -30.09 10.33
CA ASP A 444 -5.34 -30.58 9.03
C ASP A 444 -6.17 -29.48 8.36
N TYR A 445 -6.43 -29.65 7.05
CA TYR A 445 -7.30 -28.79 6.25
C TYR A 445 -7.84 -29.53 5.02
N LYS A 446 -9.07 -29.22 4.61
CA LYS A 446 -9.66 -29.83 3.41
C LYS A 446 -10.43 -28.76 2.61
N ASP A 447 -10.79 -29.08 1.37
CA ASP A 447 -11.69 -28.24 0.56
C ASP A 447 -13.12 -28.47 1.07
N ILE A 448 -14.08 -27.63 0.62
CA ILE A 448 -15.40 -27.66 1.26
C ILE A 448 -16.12 -28.99 1.07
N PHE A 449 -15.96 -29.63 -0.08
CA PHE A 449 -16.73 -30.87 -0.31
C PHE A 449 -16.20 -32.01 0.51
N LYS A 450 -14.91 -32.28 0.42
CA LYS A 450 -14.40 -33.30 1.31
C LYS A 450 -14.74 -32.95 2.76
N GLN A 451 -14.72 -31.67 3.12
CA GLN A 451 -15.11 -31.36 4.49
C GLN A 451 -16.62 -31.35 4.77
N ALA A 452 -17.42 -30.73 3.87
CA ALA A 452 -18.86 -30.63 4.10
C ALA A 452 -19.58 -31.96 4.18
N ASN A 453 -19.37 -32.86 3.23
CA ASN A 453 -20.16 -34.06 3.48
C ASN A 453 -19.36 -35.12 4.21
N GLU A 454 -18.09 -34.85 4.52
CA GLU A 454 -17.42 -35.80 5.39
C GLU A 454 -18.07 -35.63 6.75
N ASP A 455 -18.58 -34.39 7.00
CA ASP A 455 -19.35 -34.02 8.17
C ASP A 455 -20.84 -34.19 7.89
N ARG A 456 -21.17 -34.54 6.64
CA ARG A 456 -22.50 -34.81 6.11
C ARG A 456 -23.57 -33.75 6.26
N LEU A 457 -23.25 -32.54 5.84
CA LEU A 457 -24.26 -31.51 5.79
C LEU A 457 -25.22 -31.82 4.65
N THR A 458 -26.51 -31.64 4.93
CA THR A 458 -27.59 -31.81 3.96
C THR A 458 -28.45 -30.56 3.87
N SER A 459 -28.29 -29.61 4.79
CA SER A 459 -29.09 -28.41 4.77
C SER A 459 -28.17 -27.22 4.47
N ALA A 460 -28.73 -26.25 3.74
CA ALA A 460 -27.98 -25.05 3.37
C ALA A 460 -27.58 -24.20 4.57
N LYS A 461 -28.35 -24.27 5.64
CA LYS A 461 -28.07 -23.53 6.87
C LYS A 461 -26.88 -24.07 7.67
N GLU A 462 -26.31 -25.23 7.30
CA GLU A 462 -25.14 -25.71 8.02
C GLU A 462 -23.80 -25.21 7.48
N LEU A 463 -23.76 -24.53 6.35
CA LEU A 463 -22.59 -23.90 5.78
C LEU A 463 -22.39 -22.53 6.44
N PRO A 464 -21.21 -22.27 6.99
CA PRO A 464 -20.89 -20.93 7.53
C PRO A 464 -21.36 -19.79 6.65
N TYR A 465 -21.83 -18.72 7.31
CA TYR A 465 -22.54 -17.63 6.64
C TYR A 465 -21.81 -16.33 7.00
N PHE A 466 -20.90 -15.88 6.13
CA PHE A 466 -19.95 -14.79 6.38
C PHE A 466 -20.29 -13.54 5.57
N GLU A 467 -19.99 -12.36 6.11
CA GLU A 467 -20.25 -11.12 5.38
C GLU A 467 -19.51 -11.09 4.04
N GLY A 468 -20.21 -10.68 2.98
CA GLY A 468 -19.58 -10.51 1.68
C GLY A 468 -19.08 -11.78 1.02
N ASP A 469 -19.34 -12.95 1.58
CA ASP A 469 -18.84 -14.18 1.00
C ASP A 469 -19.73 -14.59 -0.17
N PHE A 470 -19.16 -15.44 -1.03
CA PHE A 470 -19.85 -15.98 -2.19
C PHE A 470 -21.15 -16.69 -1.81
N TRP A 471 -21.10 -17.56 -0.81
CA TRP A 471 -22.20 -18.48 -0.62
C TRP A 471 -23.49 -17.80 -0.18
N PRO A 472 -23.50 -16.76 0.66
CA PRO A 472 -24.81 -16.15 0.94
C PRO A 472 -25.56 -15.69 -0.33
N ASN A 473 -24.87 -15.21 -1.39
CA ASN A 473 -25.54 -14.80 -2.63
C ASN A 473 -25.80 -15.92 -3.62
N VAL A 474 -24.99 -16.99 -3.69
CA VAL A 474 -25.48 -18.10 -4.50
C VAL A 474 -26.81 -18.60 -3.96
N LEU A 475 -26.89 -18.75 -2.64
CA LEU A 475 -28.13 -19.19 -2.03
C LEU A 475 -29.24 -18.15 -2.17
N GLU A 476 -28.91 -16.86 -2.08
CA GLU A 476 -29.94 -15.83 -2.19
C GLU A 476 -30.61 -15.77 -3.56
N GLU A 477 -29.85 -15.89 -4.64
CA GLU A 477 -30.49 -15.89 -5.95
C GLU A 477 -31.30 -17.17 -6.14
N SER A 478 -30.78 -18.32 -5.68
CA SER A 478 -31.51 -19.58 -5.74
C SER A 478 -32.93 -19.53 -5.19
N ILE A 479 -33.54 -18.33 -5.12
CA ILE A 479 -34.89 -18.12 -4.59
C ILE A 479 -35.96 -18.67 -5.53
N LYS A 480 -35.80 -18.37 -6.84
CA LYS A 480 -36.70 -18.78 -7.92
C LYS A 480 -36.47 -20.21 -8.36
N GLU A 481 -35.22 -20.65 -8.24
CA GLU A 481 -34.76 -21.93 -8.65
C GLU A 481 -34.66 -22.95 -7.53
N LYS A 489 -29.71 -28.82 -7.32
CA LYS A 489 -29.06 -27.84 -8.18
C LYS A 489 -27.99 -27.07 -7.41
N LEU A 490 -28.29 -26.68 -6.17
CA LEU A 490 -27.31 -26.00 -5.33
C LEU A 490 -26.09 -26.86 -4.97
N TYR A 491 -26.28 -28.17 -4.72
CA TYR A 491 -25.11 -29.02 -4.49
C TYR A 491 -24.20 -29.04 -5.70
N ALA A 492 -24.78 -28.82 -6.88
CA ALA A 492 -24.03 -28.75 -8.14
C ALA A 492 -23.27 -27.43 -8.22
N THR A 493 -23.92 -26.35 -7.75
CA THR A 493 -23.28 -25.04 -7.66
C THR A 493 -22.11 -25.09 -6.72
N MET A 494 -22.24 -25.89 -5.67
CA MET A 494 -21.17 -26.09 -4.72
C MET A 494 -19.99 -26.84 -5.32
N GLU A 495 -20.26 -27.93 -6.05
CA GLU A 495 -19.19 -28.74 -6.66
C GLU A 495 -18.36 -28.03 -7.71
N LYS A 496 -18.93 -27.11 -8.46
CA LYS A 496 -18.15 -26.43 -9.49
C LYS A 496 -16.94 -25.69 -8.92
N HIS A 497 -17.10 -25.00 -7.78
CA HIS A 497 -16.03 -24.23 -7.18
C HIS A 497 -15.34 -24.84 -5.96
N LYS A 498 -15.36 -26.17 -5.76
CA LYS A 498 -14.63 -26.80 -4.64
C LYS A 498 -13.23 -26.23 -4.32
N GLU A 499 -12.39 -26.07 -5.33
CA GLU A 499 -10.97 -25.78 -5.09
C GLU A 499 -10.71 -24.37 -4.55
N VAL A 500 -11.62 -23.41 -4.75
CA VAL A 500 -11.33 -22.01 -4.39
C VAL A 500 -11.69 -21.75 -2.93
N PHE A 501 -12.48 -22.62 -2.31
CA PHE A 501 -13.03 -22.38 -0.98
C PHE A 501 -12.44 -23.46 -0.09
N PHE A 502 -11.67 -23.02 0.90
CA PHE A 502 -10.91 -23.84 1.86
C PHE A 502 -11.54 -23.84 3.24
N VAL A 503 -11.48 -25.01 3.90
CA VAL A 503 -11.93 -25.17 5.29
C VAL A 503 -10.71 -25.64 6.09
N ILE A 504 -10.34 -24.88 7.11
CA ILE A 504 -9.03 -25.04 7.76
C ILE A 504 -9.32 -25.48 9.19
N HIS A 505 -8.76 -26.64 9.59
CA HIS A 505 -9.01 -27.22 10.91
C HIS A 505 -7.89 -26.92 11.91
N LEU A 506 -8.23 -26.17 12.96
CA LEU A 506 -7.21 -25.86 13.95
C LEU A 506 -7.12 -26.93 15.04
N HIS A 507 -8.26 -27.51 15.44
CA HIS A 507 -8.25 -28.55 16.48
C HIS A 507 -8.81 -29.92 16.08
N PRO A 516 -14.83 -23.43 27.60
CA PRO A 516 -13.63 -22.60 27.37
C PRO A 516 -13.85 -21.38 26.44
N PRO A 517 -14.55 -20.35 26.93
CA PRO A 517 -14.90 -19.17 26.08
C PRO A 517 -13.73 -18.46 25.41
N ILE A 518 -14.02 -17.85 24.26
CA ILE A 518 -13.07 -16.98 23.56
C ILE A 518 -13.07 -15.62 24.24
N VAL A 519 -11.89 -15.13 24.60
CA VAL A 519 -11.79 -13.80 25.16
C VAL A 519 -10.71 -13.09 24.35
N ASP A 520 -11.10 -12.06 23.59
CA ASP A 520 -10.10 -11.28 22.90
C ASP A 520 -9.45 -10.37 23.94
N PRO A 521 -8.15 -10.53 24.20
CA PRO A 521 -7.48 -9.66 25.16
C PRO A 521 -7.25 -8.27 24.64
N ASP A 522 -7.33 -8.08 23.34
CA ASP A 522 -7.10 -6.78 22.73
C ASP A 522 -8.35 -5.90 22.84
N PRO A 523 -8.17 -4.60 23.01
CA PRO A 523 -9.30 -3.67 22.96
C PRO A 523 -9.65 -3.31 21.52
N LEU A 524 -10.85 -2.75 21.36
CA LEU A 524 -11.29 -2.28 20.04
C LEU A 524 -10.60 -0.99 19.63
N LEU A 525 -10.15 -0.94 18.35
CA LEU A 525 -9.61 0.25 17.72
C LEU A 525 -10.65 0.74 16.73
N SER A 526 -11.26 1.90 17.03
CA SER A 526 -12.20 2.53 16.14
C SER A 526 -11.42 3.30 15.08
N CYS A 527 -11.48 2.83 13.82
CA CYS A 527 -10.81 3.57 12.76
C CYS A 527 -11.69 3.44 11.52
N ASP A 528 -12.51 4.48 11.28
CA ASP A 528 -13.41 4.45 10.13
C ASP A 528 -12.66 4.22 8.83
N LEU A 529 -11.48 4.83 8.69
CA LEU A 529 -10.70 4.65 7.46
C LEU A 529 -10.46 3.17 7.16
N MET A 530 -10.35 2.32 8.19
CA MET A 530 -10.02 0.91 7.97
C MET A 530 -11.17 0.02 8.37
N ASP A 531 -12.33 0.61 8.56
CA ASP A 531 -13.58 -0.11 8.78
C ASP A 531 -14.08 -0.71 7.47
N GLY A 532 -13.56 -1.88 7.09
CA GLY A 532 -13.82 -2.37 5.74
C GLY A 532 -12.90 -1.73 4.72
N ARG A 533 -12.87 -2.34 3.53
CA ARG A 533 -11.84 -2.05 2.53
C ARG A 533 -12.15 -0.84 1.66
N ASP A 534 -13.38 -0.32 1.71
CA ASP A 534 -13.74 0.73 0.76
C ASP A 534 -13.17 2.09 1.16
N ALA A 535 -13.13 2.38 2.46
CA ALA A 535 -12.76 3.72 2.88
C ALA A 535 -11.32 4.08 2.50
N PHE A 536 -10.42 3.11 2.64
CA PHE A 536 -9.01 3.42 2.35
C PHE A 536 -8.78 3.50 0.83
N LEU A 537 -9.44 2.62 0.07
CA LEU A 537 -9.40 2.72 -1.38
C LEU A 537 -9.89 4.08 -1.85
N THR A 538 -11.01 4.56 -1.30
CA THR A 538 -11.58 5.83 -1.76
C THR A 538 -10.64 6.99 -1.45
N LEU A 539 -10.12 7.05 -0.23
CA LEU A 539 -9.25 8.16 0.15
C LEU A 539 -7.97 8.17 -0.67
N ALA A 540 -7.39 6.99 -0.90
CA ALA A 540 -6.19 6.92 -1.70
C ALA A 540 -6.41 7.34 -3.15
N ARG A 541 -7.57 7.00 -3.75
CA ARG A 541 -7.85 7.49 -5.10
C ARG A 541 -7.99 9.01 -5.13
N ASP A 542 -8.65 9.60 -4.12
CA ASP A 542 -8.85 11.03 -4.19
C ASP A 542 -7.55 11.77 -3.99
N LYS A 543 -6.70 11.25 -3.11
CA LYS A 543 -5.44 11.88 -2.79
C LYS A 543 -4.26 11.34 -3.57
N HIS A 544 -4.49 10.40 -4.50
CA HIS A 544 -3.40 9.86 -5.32
C HIS A 544 -2.29 9.18 -4.50
N TRP A 545 -2.69 8.44 -3.47
CA TRP A 545 -1.74 7.60 -2.73
C TRP A 545 -1.64 6.28 -3.48
N GLU A 546 -0.82 6.25 -4.52
CA GLU A 546 -0.68 5.00 -5.25
C GLU A 546 0.33 4.09 -4.59
N PHE A 547 0.20 2.80 -4.85
CA PHE A 547 1.23 1.86 -4.46
C PHE A 547 1.89 1.23 -5.66
N SER A 548 2.07 2.04 -6.72
CA SER A 548 2.52 1.60 -8.04
C SER A 548 4.03 1.51 -8.22
N SER A 549 4.80 2.14 -7.34
CA SER A 549 6.26 2.12 -7.41
C SER A 549 6.81 2.19 -5.98
N LEU A 550 8.09 1.91 -5.85
CA LEU A 550 8.69 2.05 -4.52
C LEU A 550 8.55 3.46 -4.01
N ARG A 551 8.84 4.46 -4.86
CA ARG A 551 8.78 5.85 -4.37
C ARG A 551 7.36 6.26 -4.07
N ARG A 552 6.39 5.82 -4.86
CA ARG A 552 5.01 6.20 -4.52
C ARG A 552 4.53 5.46 -3.28
N SER A 553 4.93 4.18 -3.12
CA SER A 553 4.50 3.44 -1.94
C SER A 553 5.06 4.06 -0.67
N LYS A 554 6.29 4.56 -0.74
CA LYS A 554 6.87 5.24 0.40
C LYS A 554 6.05 6.44 0.79
N TRP A 555 5.65 7.24 -0.21
CA TRP A 555 4.83 8.43 0.06
C TRP A 555 3.45 8.05 0.55
N SER A 556 2.82 7.10 -0.13
CA SER A 556 1.48 6.69 0.24
C SER A 556 1.49 6.13 1.64
N THR A 557 2.52 5.36 1.97
CA THR A 557 2.65 4.83 3.33
C THR A 557 2.80 5.96 4.31
N LEU A 558 3.65 6.94 3.99
CA LEU A 558 3.87 8.08 4.87
C LEU A 558 2.56 8.71 5.25
N CYS A 559 1.72 9.00 4.23
CA CYS A 559 0.44 9.67 4.46
C CYS A 559 -0.59 8.77 5.09
N MET A 560 -0.66 7.50 4.66
CA MET A 560 -1.50 6.50 5.32
C MET A 560 -1.26 6.51 6.82
N LEU A 561 0.01 6.48 7.21
CA LEU A 561 0.33 6.44 8.63
C LEU A 561 -0.07 7.73 9.33
N VAL A 562 0.02 8.88 8.66
CA VAL A 562 -0.47 10.11 9.29
C VAL A 562 -1.97 10.02 9.49
N GLU A 563 -2.68 9.47 8.51
CA GLU A 563 -4.13 9.34 8.66
C GLU A 563 -4.47 8.43 9.84
N LEU A 564 -3.75 7.33 9.98
CA LEU A 564 -4.04 6.44 11.10
C LEU A 564 -3.71 7.14 12.40
N HIS A 565 -2.59 7.88 12.46
CA HIS A 565 -2.19 8.54 13.70
C HIS A 565 -3.14 9.69 14.08
N THR A 566 -3.60 10.49 13.11
CA THR A 566 -4.26 11.74 13.50
C THR A 566 -5.74 11.78 13.24
N GLN A 567 -6.28 10.90 12.42
CA GLN A 567 -7.70 10.97 12.12
C GLN A 567 -8.41 9.71 12.57
N GLY A 568 -7.77 8.86 13.36
CA GLY A 568 -8.53 7.77 13.92
C GLY A 568 -9.59 8.37 14.81
N GLN A 569 -10.45 7.53 15.33
CA GLN A 569 -11.58 8.04 16.10
C GLN A 569 -11.51 7.71 17.59
N ASP A 570 -10.44 7.06 18.04
CA ASP A 570 -10.26 6.64 19.43
C ASP A 570 -9.55 7.76 20.17
N ARG A 571 -9.99 7.96 21.40
CA ARG A 571 -9.41 8.89 22.32
C ARG A 571 -8.86 8.03 23.44
N PHE A 572 -7.78 8.48 24.08
CA PHE A 572 -7.03 7.58 24.95
C PHE A 572 -7.18 8.07 26.39
N VAL A 573 -7.67 7.17 27.25
CA VAL A 573 -7.65 7.37 28.69
C VAL A 573 -6.44 6.60 29.20
N TYR A 574 -5.75 7.13 30.21
CA TYR A 574 -4.57 6.48 30.73
C TYR A 574 -4.79 6.03 32.15
N THR A 575 -4.45 4.77 32.41
CA THR A 575 -4.56 4.22 33.74
C THR A 575 -3.20 3.68 34.19
N CYS A 576 -2.98 3.82 35.49
CA CYS A 576 -1.85 3.26 36.23
C CYS A 576 -1.97 1.75 36.29
N ASN A 577 -0.95 1.02 35.83
CA ASN A 577 -1.03 -0.45 35.78
C ASN A 577 -1.12 -1.11 37.16
N GLU A 578 -0.80 -0.37 38.22
CA GLU A 578 -0.79 -0.82 39.60
C GLU A 578 -2.08 -0.54 40.37
N CYS A 579 -2.50 0.74 40.48
CA CYS A 579 -3.64 1.21 41.27
C CYS A 579 -5.01 1.28 40.60
N LYS A 580 -5.18 0.90 39.32
CA LYS A 580 -6.48 0.85 38.62
C LYS A 580 -7.04 2.26 38.50
N HIS A 581 -6.32 3.23 39.03
CA HIS A 581 -6.69 4.63 38.99
C HIS A 581 -6.48 5.30 37.64
N HIS A 582 -7.25 6.36 37.40
CA HIS A 582 -7.08 7.20 36.23
C HIS A 582 -5.83 8.07 36.46
N VAL A 583 -4.97 8.22 35.45
CA VAL A 583 -3.82 9.07 35.68
C VAL A 583 -3.82 10.16 34.61
N GLU A 584 -3.30 11.33 34.97
CA GLU A 584 -2.90 12.34 34.00
C GLU A 584 -1.39 12.39 34.12
N THR A 585 -0.81 13.19 35.02
CA THR A 585 0.63 12.99 35.25
C THR A 585 0.93 11.55 35.63
N ARG A 586 2.00 10.98 35.04
CA ARG A 586 2.38 9.58 35.22
C ARG A 586 3.83 9.36 34.85
N TRP A 587 4.34 8.21 35.29
CA TRP A 587 5.68 7.72 34.97
C TRP A 587 5.50 6.60 33.96
N HIS A 588 6.10 6.73 32.79
CA HIS A 588 5.93 5.77 31.70
C HIS A 588 7.25 5.04 31.50
N CYS A 589 7.16 3.72 31.34
CA CYS A 589 8.35 2.89 31.22
C CYS A 589 8.94 3.03 29.83
N THR A 590 10.26 3.16 29.78
CA THR A 590 10.98 3.29 28.51
C THR A 590 11.16 1.97 27.76
N VAL A 591 10.88 0.83 28.39
CA VAL A 591 11.15 -0.50 27.86
C VAL A 591 9.85 -1.29 27.61
N CYS A 592 8.94 -1.32 28.58
CA CYS A 592 7.66 -2.05 28.55
C CYS A 592 6.72 -1.61 27.43
N GLU A 593 5.84 -2.54 27.01
CA GLU A 593 4.94 -2.33 25.87
C GLU A 593 4.08 -1.08 26.02
N ASP A 594 3.44 -0.94 27.19
CA ASP A 594 2.56 0.18 27.49
C ASP A 594 2.45 0.27 29.00
N TYR A 595 3.49 0.76 29.68
CA TYR A 595 3.49 0.64 31.14
C TYR A 595 3.67 2.01 31.80
N ASP A 596 2.80 2.26 32.76
CA ASP A 596 2.65 3.51 33.48
C ASP A 596 2.48 3.14 34.95
N LEU A 597 2.91 4.03 35.82
CA LEU A 597 2.68 3.86 37.23
C LEU A 597 2.15 5.12 37.86
N CYS A 598 1.18 4.91 38.74
CA CYS A 598 0.78 6.01 39.57
C CYS A 598 1.99 6.39 40.40
N ILE A 599 2.13 7.70 40.52
CA ILE A 599 3.21 8.35 41.23
C ILE A 599 3.15 7.92 42.68
N ASN A 600 1.95 7.67 43.19
CA ASN A 600 1.75 7.26 44.59
C ASN A 600 2.53 5.98 44.90
N HIS A 607 8.92 -0.37 41.02
CA HIS A 607 9.14 -0.73 39.61
C HIS A 607 10.61 -0.79 39.21
N THR A 608 10.95 -1.87 38.50
CA THR A 608 12.33 -2.22 38.17
C THR A 608 12.98 -1.43 37.05
N HIS A 609 12.20 -0.81 36.16
CA HIS A 609 12.64 -0.04 35.01
C HIS A 609 12.90 1.45 35.26
N LYS A 610 13.76 2.04 34.42
CA LYS A 610 13.93 3.50 34.43
C LYS A 610 12.60 4.09 34.00
N MET A 611 12.16 5.17 34.67
CA MET A 611 10.91 5.77 34.26
C MET A 611 11.06 7.24 33.91
N VAL A 612 10.26 7.72 32.95
CA VAL A 612 10.27 9.13 32.60
C VAL A 612 8.87 9.66 32.93
N LYS A 613 8.78 10.95 33.24
CA LYS A 613 7.52 11.59 33.61
C LYS A 613 6.84 12.15 32.38
N TRP A 614 5.59 11.74 32.11
CA TRP A 614 4.82 12.19 30.92
C TRP A 614 3.48 12.78 31.25
ZN ZN B . 12.17 14.22 -8.22
ZN ZN C . 17.12 24.31 0.36
ZN ZN D . -2.10 4.71 40.37
ZN ZN E . 8.43 -1.35 33.14
N1A COA F . 1.04 -15.26 -14.97
C2A COA F . 2.33 -15.55 -14.81
N3A COA F . 3.08 -15.43 -13.71
C4A COA F . 2.35 -14.99 -12.67
C5A COA F . 1.01 -14.67 -12.70
C6A COA F . 0.33 -14.80 -13.92
N6A COA F . -0.95 -14.46 -14.11
N7A COA F . 0.59 -14.27 -11.42
C8A COA F . 1.68 -14.34 -10.70
N9A COA F . 2.78 -14.76 -11.39
C1B COA F . 4.16 -14.85 -10.87
C2B COA F . 4.71 -13.54 -10.31
O2B COA F . 5.34 -12.76 -11.31
C3B COA F . 5.73 -14.06 -9.29
O3B COA F . 6.98 -14.42 -9.91
P3B COA F . 8.36 -13.72 -9.60
O7A COA F . 8.55 -13.59 -8.12
O8A COA F . 8.37 -12.36 -10.33
O9A COA F . 9.45 -14.58 -10.27
C4B COA F . 5.15 -15.40 -8.82
O4B COA F . 4.17 -15.77 -9.81
C5B COA F . 4.50 -15.34 -7.47
O5B COA F . 3.28 -14.58 -7.67
P1A COA F . 2.10 -14.60 -6.56
O1A COA F . 1.07 -15.68 -6.67
O2A COA F . 1.53 -13.18 -6.57
O3A COA F . 3.01 -14.72 -5.28
P2A COA F . 3.14 -13.66 -4.10
O4A COA F . 3.30 -14.39 -2.84
O5A COA F . 4.20 -12.57 -4.59
O6A COA F . 1.71 -12.87 -3.86
CBP COA F . -0.59 -12.54 -3.17
CCP COA F . 0.53 -13.55 -3.39
CDP COA F . -1.93 -13.28 -3.04
CEP COA F . -0.31 -11.78 -1.87
CAP COA F . -0.64 -11.55 -4.36
OAP COA F . -0.92 -12.14 -5.62
C9P COA F . -1.60 -10.41 -4.10
O9P COA F . -1.20 -9.38 -3.60
N8P COA F . -2.86 -10.59 -4.46
C7P COA F . -3.84 -9.56 -4.22
C6P COA F . -5.24 -9.97 -4.61
C5P COA F . -5.45 -11.45 -4.46
O5P COA F . -5.24 -12.21 -5.40
N4P COA F . -5.93 -11.87 -3.29
C3P COA F . -6.31 -13.26 -3.07
C2P COA F . -6.26 -13.65 -1.62
S1P COA F . -6.41 -15.46 -1.57
#